data_7EJG
#
_entry.id   7EJG
#
_cell.length_a   109.330
_cell.length_b   109.330
_cell.length_c   41.533
_cell.angle_alpha   90.000
_cell.angle_beta   90.000
_cell.angle_gamma   120.000
#
_symmetry.space_group_name_H-M   'P 61'
#
loop_
_entity.id
_entity.type
_entity.pdbx_description
1 polymer 'EAL domain-containing protein'
2 non-polymer 'CHLORIDE ION'
3 non-polymer 'SULFATE ION'
4 non-polymer GLYCEROL
5 water water
#
_entity_poly.entity_id   1
_entity_poly.type   'polypeptide(L)'
_entity_poly.pdbx_seq_one_letter_code
;ASMTPEERAWLAEHPSIRLGVDTSWPPFEFRDEQGRYQGLAAGYVSLLQERKGVSLTPVEPKTWTQVLEQAKDGRLDLLP
GIMATPERQEYLSFTRPYLDFPIIILARKNGPMPKRIDELYGLKVAVVDHYAPHELLIAQHPDLTLLPLPSVAAALQALA
TGQADAFVGDFASSVWNLRQLKLNGLEISGETPYRYQLAMAVPRGQPILAGIVDKVLADLSAEEIERLQAPWVGGLL
;
_entity_poly.pdbx_strand_id   C
#
loop_
_chem_comp.id
_chem_comp.type
_chem_comp.name
_chem_comp.formula
CL non-polymer 'CHLORIDE ION' 'Cl -1'
GOL non-polymer GLYCEROL 'C3 H8 O3'
SO4 non-polymer 'SULFATE ION' 'O4 S -2'
#
# COMPACT_ATOMS: atom_id res chain seq x y z
N ALA A 1 4.21 -23.96 6.60
CA ALA A 1 2.79 -24.00 6.26
C ALA A 1 1.96 -24.13 7.54
N SER A 2 2.36 -25.09 8.38
CA SER A 2 1.66 -25.35 9.62
C SER A 2 1.97 -24.27 10.66
N MET A 3 0.99 -23.97 11.49
N MET A 3 1.00 -24.02 11.52
CA MET A 3 1.19 -23.13 12.65
CA MET A 3 1.19 -23.11 12.65
C MET A 3 1.91 -23.92 13.75
C MET A 3 1.79 -23.85 13.84
N THR A 4 2.77 -23.22 14.49
CA THR A 4 3.36 -23.78 15.73
C THR A 4 2.35 -23.74 16.87
N PRO A 5 2.62 -24.42 17.98
CA PRO A 5 1.67 -24.42 19.13
C PRO A 5 1.41 -23.05 19.74
N GLU A 6 2.42 -22.17 19.87
CA GLU A 6 2.17 -20.84 20.38
C GLU A 6 1.30 -20.01 19.43
N GLU A 7 1.44 -20.20 18.12
CA GLU A 7 0.65 -19.42 17.18
C GLU A 7 -0.82 -19.79 17.28
N ARG A 8 -1.09 -21.09 17.48
CA ARG A 8 -2.47 -21.55 17.65
C ARG A 8 -3.08 -20.96 18.92
N ALA A 9 -2.32 -20.91 20.00
CA ALA A 9 -2.82 -20.31 21.23
C ALA A 9 -3.10 -18.83 21.08
N TRP A 10 -2.28 -18.11 20.32
CA TRP A 10 -2.51 -16.69 20.14
C TRP A 10 -3.82 -16.45 19.39
N LEU A 11 -4.09 -17.30 18.41
CA LEU A 11 -5.29 -17.12 17.61
C LEU A 11 -6.53 -17.32 18.48
N ALA A 12 -6.41 -18.16 19.52
CA ALA A 12 -7.53 -18.37 20.43
C ALA A 12 -7.90 -17.11 21.21
N GLU A 13 -6.94 -16.25 21.49
CA GLU A 13 -7.14 -15.04 22.27
C GLU A 13 -7.63 -13.86 21.46
N HIS A 14 -7.63 -13.97 20.14
CA HIS A 14 -8.01 -12.86 19.27
C HIS A 14 -9.08 -13.34 18.32
N PRO A 15 -10.31 -13.57 18.81
CA PRO A 15 -11.43 -13.82 17.89
C PRO A 15 -11.58 -12.72 16.86
N SER A 16 -11.15 -11.50 17.12
CA SER A 16 -11.24 -10.46 16.11
C SER A 16 -9.89 -9.75 16.05
N ILE A 17 -9.52 -9.35 14.84
CA ILE A 17 -8.26 -8.68 14.57
C ILE A 17 -8.62 -7.34 13.93
N ARG A 18 -8.16 -6.23 14.53
CA ARG A 18 -8.46 -4.87 14.06
C ARG A 18 -7.56 -4.48 12.89
N LEU A 19 -8.17 -4.17 11.75
CA LEU A 19 -7.38 -3.87 10.56
C LEU A 19 -7.37 -2.37 10.29
N GLY A 20 -6.20 -1.87 9.88
CA GLY A 20 -6.11 -0.49 9.40
C GLY A 20 -5.89 -0.49 7.92
N VAL A 21 -6.83 0.13 7.19
CA VAL A 21 -6.86 0.09 5.74
C VAL A 21 -7.03 1.49 5.20
N ASP A 22 -6.60 1.69 3.97
CA ASP A 22 -6.85 2.93 3.24
C ASP A 22 -8.23 2.90 2.63
N THR A 23 -8.95 4.03 2.73
CA THR A 23 -10.29 4.10 2.15
C THR A 23 -10.26 4.30 0.64
N SER A 24 -9.14 4.77 0.10
CA SER A 24 -9.14 5.28 -1.27
C SER A 24 -7.84 4.96 -2.00
N TRP A 25 -7.43 3.68 -2.01
CA TRP A 25 -6.22 3.25 -2.72
C TRP A 25 -6.50 2.07 -3.65
N PRO A 26 -7.40 2.21 -4.62
CA PRO A 26 -7.58 1.14 -5.59
C PRO A 26 -6.31 1.02 -6.43
N PRO A 27 -5.96 -0.20 -6.88
CA PRO A 27 -6.72 -1.44 -6.75
C PRO A 27 -6.40 -2.23 -5.49
N PHE A 28 -5.58 -1.69 -4.60
CA PHE A 28 -5.14 -2.47 -3.45
C PHE A 28 -6.15 -2.47 -2.31
N GLU A 29 -6.65 -1.30 -1.94
CA GLU A 29 -7.52 -1.15 -0.77
C GLU A 29 -8.47 0.01 -1.00
N PHE A 30 -9.76 -0.26 -0.95
CA PHE A 30 -10.68 0.87 -0.88
C PHE A 30 -11.95 0.43 -0.17
N ARG A 31 -12.69 1.42 0.32
CA ARG A 31 -13.99 1.18 0.92
C ARG A 31 -15.04 1.64 -0.07
N ASP A 32 -15.92 0.73 -0.48
CA ASP A 32 -16.98 1.12 -1.41
C ASP A 32 -18.00 2.02 -0.69
N GLU A 33 -19.00 2.51 -1.43
CA GLU A 33 -19.93 3.48 -0.86
C GLU A 33 -20.84 2.84 0.19
N GLN A 34 -20.91 1.49 0.22
CA GLN A 34 -21.55 0.78 1.32
C GLN A 34 -20.64 0.64 2.54
N GLY A 35 -19.39 1.12 2.45
CA GLY A 35 -18.45 1.04 3.54
C GLY A 35 -17.64 -0.24 3.59
N ARG A 36 -17.79 -1.12 2.60
CA ARG A 36 -17.15 -2.42 2.61
C ARG A 36 -15.73 -2.36 2.05
N TYR A 37 -14.83 -3.09 2.70
CA TYR A 37 -13.42 -3.14 2.31
C TYR A 37 -13.26 -4.00 1.05
N GLN A 38 -12.61 -3.45 0.02
CA GLN A 38 -12.46 -4.11 -1.26
C GLN A 38 -11.03 -3.93 -1.74
N GLY A 39 -10.66 -4.69 -2.76
CA GLY A 39 -9.36 -4.54 -3.41
C GLY A 39 -8.51 -5.80 -3.34
N LEU A 40 -7.35 -5.71 -3.97
CA LEU A 40 -6.43 -6.85 -4.02
C LEU A 40 -6.01 -7.28 -2.61
N ALA A 41 -5.67 -6.32 -1.76
CA ALA A 41 -5.26 -6.68 -0.40
C ALA A 41 -6.44 -7.26 0.39
N ALA A 42 -7.65 -6.74 0.15
CA ALA A 42 -8.85 -7.31 0.77
C ALA A 42 -9.06 -8.76 0.35
N GLY A 43 -8.70 -9.14 -0.88
CA GLY A 43 -8.77 -10.54 -1.27
C GLY A 43 -7.81 -11.43 -0.47
N TYR A 44 -6.59 -10.93 -0.25
CA TYR A 44 -5.65 -11.66 0.59
C TYR A 44 -6.21 -11.77 1.99
N VAL A 45 -6.83 -10.69 2.48
CA VAL A 45 -7.34 -10.72 3.85
C VAL A 45 -8.45 -11.77 3.97
N SER A 46 -9.31 -11.84 2.95
CA SER A 46 -10.39 -12.81 2.99
C SER A 46 -9.81 -14.23 2.99
N LEU A 47 -8.70 -14.45 2.27
CA LEU A 47 -8.07 -15.77 2.33
C LEU A 47 -7.45 -16.05 3.70
N LEU A 48 -6.80 -15.04 4.32
CA LEU A 48 -6.24 -15.22 5.65
C LEU A 48 -7.32 -15.57 6.65
N GLN A 49 -8.47 -14.91 6.52
CA GLN A 49 -9.58 -15.18 7.42
C GLN A 49 -10.03 -16.63 7.32
N GLU A 50 -10.09 -17.16 6.08
CA GLU A 50 -10.48 -18.55 5.88
C GLU A 50 -9.46 -19.50 6.52
N ARG A 51 -8.18 -19.17 6.39
CA ARG A 51 -7.14 -20.05 6.88
C ARG A 51 -7.01 -19.99 8.40
N LYS A 52 -7.13 -18.79 8.97
CA LYS A 52 -6.84 -18.59 10.38
C LYS A 52 -8.05 -18.80 11.27
N GLY A 53 -9.25 -18.67 10.72
CA GLY A 53 -10.42 -18.91 11.53
C GLY A 53 -10.71 -17.81 12.52
N VAL A 54 -10.19 -16.60 12.28
CA VAL A 54 -10.58 -15.49 13.11
C VAL A 54 -11.05 -14.35 12.22
N SER A 55 -11.76 -13.42 12.82
CA SER A 55 -12.45 -12.37 12.07
C SER A 55 -11.51 -11.18 11.88
N LEU A 56 -11.19 -10.86 10.63
CA LEU A 56 -10.27 -9.76 10.31
C LEU A 56 -11.11 -8.60 9.82
N THR A 57 -11.29 -7.61 10.68
CA THR A 57 -12.27 -6.59 10.39
C THR A 57 -11.68 -5.17 10.40
N PRO A 58 -11.85 -4.37 9.34
CA PRO A 58 -11.38 -3.00 9.38
C PRO A 58 -12.12 -2.19 10.43
N VAL A 59 -11.39 -1.30 11.08
CA VAL A 59 -12.02 -0.40 12.05
C VAL A 59 -12.64 0.79 11.33
N GLU A 60 -13.13 1.77 12.08
CA GLU A 60 -13.78 2.92 11.45
C GLU A 60 -12.81 3.67 10.54
N PRO A 61 -13.30 4.18 9.41
CA PRO A 61 -12.40 4.82 8.44
C PRO A 61 -11.72 6.05 9.01
N LYS A 62 -10.47 6.23 8.60
CA LYS A 62 -9.62 7.35 8.98
C LYS A 62 -8.77 7.69 7.76
N THR A 63 -8.10 8.84 7.78
CA THR A 63 -7.11 9.08 6.74
C THR A 63 -5.93 8.13 6.94
N TRP A 64 -5.17 7.93 5.86
CA TRP A 64 -4.05 7.01 5.97
C TRP A 64 -3.03 7.53 6.99
N THR A 65 -2.81 8.84 7.05
CA THR A 65 -1.97 9.40 8.12
C THR A 65 -2.49 9.00 9.50
N GLN A 66 -3.79 9.13 9.72
CA GLN A 66 -4.39 8.72 11.00
C GLN A 66 -4.21 7.22 11.27
N VAL A 67 -4.34 6.37 10.25
CA VAL A 67 -4.16 4.92 10.42
C VAL A 67 -2.77 4.60 10.93
N LEU A 68 -1.76 5.26 10.36
CA LEU A 68 -0.39 5.02 10.80
C LEU A 68 -0.19 5.46 12.24
N GLU A 69 -0.82 6.58 12.63
N GLU A 69 -0.85 6.56 12.63
CA GLU A 69 -0.75 6.98 14.04
CA GLU A 69 -0.79 7.04 14.01
C GLU A 69 -1.42 5.95 14.92
C GLU A 69 -1.51 6.08 14.97
N GLN A 70 -2.58 5.45 14.51
CA GLN A 70 -3.25 4.40 15.28
C GLN A 70 -2.34 3.19 15.48
N ALA A 71 -1.61 2.78 14.44
CA ALA A 71 -0.73 1.64 14.58
C ALA A 71 0.44 1.95 15.52
N LYS A 72 0.96 3.18 15.48
CA LYS A 72 1.97 3.61 16.45
C LYS A 72 1.45 3.49 17.87
N ASP A 73 0.23 3.97 18.10
CA ASP A 73 -0.42 3.88 19.40
C ASP A 73 -0.99 2.49 19.68
N GLY A 74 -0.59 1.46 18.91
CA GLY A 74 -1.07 0.11 19.15
C GLY A 74 -2.57 -0.05 19.12
N ARG A 75 -3.30 0.87 18.50
N ARG A 75 -3.30 0.87 18.51
CA ARG A 75 -4.74 0.79 18.40
CA ARG A 75 -4.74 0.78 18.41
C ARG A 75 -5.19 -0.04 17.20
C ARG A 75 -5.20 -0.18 17.31
N LEU A 76 -4.27 -0.74 16.53
CA LEU A 76 -4.61 -1.62 15.44
C LEU A 76 -3.78 -2.88 15.54
N ASP A 77 -4.28 -3.98 14.98
CA ASP A 77 -3.52 -5.23 15.00
C ASP A 77 -2.81 -5.57 13.69
N LEU A 78 -3.36 -5.15 12.55
CA LEU A 78 -2.81 -5.58 11.27
C LEU A 78 -3.06 -4.50 10.22
N LEU A 79 -2.01 -4.17 9.45
CA LEU A 79 -2.14 -3.28 8.28
C LEU A 79 -1.92 -4.16 7.06
N PRO A 80 -2.94 -4.41 6.24
CA PRO A 80 -2.78 -5.41 5.15
C PRO A 80 -2.04 -4.96 3.93
N GLY A 81 -1.79 -3.65 3.75
CA GLY A 81 -1.15 -3.21 2.51
C GLY A 81 -0.22 -2.06 2.79
N ILE A 82 1.05 -2.37 3.06
CA ILE A 82 2.00 -1.32 3.44
C ILE A 82 3.41 -1.79 3.13
N MET A 83 4.26 -0.84 2.73
CA MET A 83 5.66 -1.14 2.51
C MET A 83 6.54 -0.77 3.70
N ALA A 84 7.53 -1.63 3.96
CA ALA A 84 8.50 -1.35 5.02
C ALA A 84 9.43 -0.20 4.66
N THR A 85 9.76 0.61 5.66
CA THR A 85 10.83 1.60 5.61
C THR A 85 11.67 1.48 6.86
N PRO A 86 12.91 2.00 6.86
CA PRO A 86 13.69 1.95 8.10
C PRO A 86 12.99 2.60 9.28
N GLU A 87 12.36 3.76 9.06
CA GLU A 87 11.65 4.41 10.15
C GLU A 87 10.49 3.57 10.64
N ARG A 88 9.80 2.88 9.72
CA ARG A 88 8.65 2.09 10.16
C ARG A 88 9.07 0.88 10.98
N GLN A 89 10.29 0.38 10.75
CA GLN A 89 10.71 -0.80 11.54
C GLN A 89 10.81 -0.47 13.02
N GLU A 90 10.84 0.81 13.36
CA GLU A 90 10.89 1.20 14.77
C GLU A 90 9.57 0.95 15.49
N TYR A 91 8.45 0.83 14.78
CA TYR A 91 7.19 0.63 15.47
C TYR A 91 6.32 -0.43 14.82
N LEU A 92 6.76 -1.04 13.73
CA LEU A 92 6.03 -2.08 13.03
C LEU A 92 6.98 -3.23 12.71
N SER A 93 6.42 -4.46 12.75
CA SER A 93 7.07 -5.60 12.14
C SER A 93 6.26 -6.08 10.93
N PHE A 94 6.97 -6.52 9.91
CA PHE A 94 6.37 -6.75 8.61
C PHE A 94 6.46 -8.21 8.21
N THR A 95 5.51 -8.65 7.41
CA THR A 95 5.69 -9.89 6.67
C THR A 95 6.71 -9.64 5.56
N ARG A 96 7.14 -10.72 4.93
CA ARG A 96 7.79 -10.51 3.64
C ARG A 96 6.77 -10.00 2.62
N PRO A 97 7.23 -9.29 1.60
CA PRO A 97 6.26 -8.75 0.64
C PRO A 97 5.55 -9.83 -0.13
N TYR A 98 4.27 -9.60 -0.38
CA TYR A 98 3.49 -10.53 -1.18
C TYR A 98 3.22 -10.05 -2.60
N LEU A 99 3.45 -8.78 -2.91
CA LEU A 99 3.44 -8.24 -4.27
C LEU A 99 4.55 -7.20 -4.39
N ASP A 100 5.03 -6.99 -5.61
CA ASP A 100 6.17 -6.13 -5.82
C ASP A 100 6.05 -5.48 -7.18
N PHE A 101 6.13 -4.14 -7.25
CA PHE A 101 5.98 -3.36 -8.46
C PHE A 101 7.06 -2.28 -8.51
N PRO A 102 7.44 -1.82 -9.70
CA PRO A 102 8.35 -0.67 -9.76
C PRO A 102 7.67 0.60 -9.32
N ILE A 103 8.48 1.50 -8.78
CA ILE A 103 8.05 2.86 -8.50
C ILE A 103 8.44 3.71 -9.71
N ILE A 104 7.43 4.36 -10.32
CA ILE A 104 7.61 5.00 -11.63
C ILE A 104 7.32 6.49 -11.57
N ILE A 105 7.56 7.21 -12.67
CA ILE A 105 7.35 8.67 -12.77
C ILE A 105 6.27 8.93 -13.82
N LEU A 106 5.19 9.58 -13.41
CA LEU A 106 4.13 9.96 -14.34
C LEU A 106 4.24 11.45 -14.69
N ALA A 107 3.92 11.80 -15.94
CA ALA A 107 4.00 13.18 -16.41
C ALA A 107 2.75 13.56 -17.21
N ARG A 108 2.60 14.86 -17.46
CA ARG A 108 1.61 15.33 -18.42
C ARG A 108 2.25 15.35 -19.80
N LYS A 109 1.45 15.02 -20.83
CA LYS A 109 1.99 15.02 -22.19
C LYS A 109 2.42 16.43 -22.61
N ASN A 110 1.69 17.46 -22.18
CA ASN A 110 2.04 18.83 -22.52
C ASN A 110 3.00 19.45 -21.51
N GLY A 111 3.58 18.64 -20.62
CA GLY A 111 4.44 19.14 -19.57
C GLY A 111 5.83 18.53 -19.59
N PRO A 112 6.60 18.75 -18.52
CA PRO A 112 7.96 18.20 -18.48
C PRO A 112 7.92 16.69 -18.32
N MET A 113 9.02 16.03 -18.73
CA MET A 113 9.11 14.56 -18.76
C MET A 113 10.42 14.11 -18.14
N PRO A 114 10.47 13.97 -16.82
CA PRO A 114 11.70 13.47 -16.19
C PRO A 114 11.85 11.98 -16.43
N LYS A 115 13.09 11.57 -16.68
CA LYS A 115 13.45 10.18 -17.00
C LYS A 115 13.89 9.39 -15.78
N ARG A 116 14.59 10.06 -14.87
CA ARG A 116 15.10 9.45 -13.62
C ARG A 116 14.83 10.42 -12.47
N ILE A 117 15.19 10.00 -11.26
CA ILE A 117 15.03 10.87 -10.10
C ILE A 117 15.82 12.16 -10.27
N ASP A 118 16.98 12.11 -10.93
CA ASP A 118 17.82 13.29 -11.02
C ASP A 118 17.23 14.38 -11.90
N GLU A 119 16.32 14.03 -12.80
CA GLU A 119 15.58 15.03 -13.56
C GLU A 119 14.34 15.53 -12.83
N LEU A 120 14.19 15.18 -11.53
CA LEU A 120 13.10 15.70 -10.72
C LEU A 120 13.48 16.94 -9.93
N TYR A 121 14.76 17.12 -9.63
CA TYR A 121 15.23 18.33 -8.97
C TYR A 121 14.84 19.56 -9.77
N GLY A 122 14.08 20.46 -9.15
CA GLY A 122 13.57 21.64 -9.82
C GLY A 122 12.13 21.56 -10.24
N LEU A 123 11.44 20.46 -9.99
CA LEU A 123 10.03 20.34 -10.30
C LEU A 123 9.23 20.09 -9.02
N LYS A 124 7.93 20.40 -9.11
CA LYS A 124 6.99 20.12 -8.04
C LYS A 124 6.48 18.69 -8.23
N VAL A 125 6.93 17.77 -7.36
CA VAL A 125 6.74 16.34 -7.52
C VAL A 125 5.64 15.90 -6.58
N ALA A 126 4.46 15.57 -7.12
CA ALA A 126 3.37 15.03 -6.33
C ALA A 126 3.66 13.60 -5.89
N VAL A 127 3.23 13.26 -4.66
CA VAL A 127 3.31 11.91 -4.14
C VAL A 127 2.10 11.71 -3.25
N VAL A 128 1.74 10.46 -2.98
CA VAL A 128 0.67 10.23 -2.03
C VAL A 128 1.25 10.34 -0.63
N ASP A 129 0.60 11.15 0.20
CA ASP A 129 1.08 11.47 1.54
C ASP A 129 1.25 10.20 2.37
N HIS A 130 2.46 10.00 2.89
CA HIS A 130 2.82 8.94 3.83
C HIS A 130 2.73 7.54 3.23
N TYR A 131 2.79 7.46 1.91
CA TYR A 131 3.10 6.15 1.37
C TYR A 131 4.61 6.07 1.22
N ALA A 132 5.11 4.86 0.97
CA ALA A 132 6.56 4.70 0.97
C ALA A 132 7.30 5.52 -0.08
N PRO A 133 6.80 5.73 -1.31
CA PRO A 133 7.55 6.61 -2.22
C PRO A 133 7.88 7.94 -1.58
N HIS A 134 6.89 8.57 -0.96
CA HIS A 134 7.11 9.79 -0.18
C HIS A 134 8.23 9.64 0.85
N GLU A 135 8.20 8.57 1.66
CA GLU A 135 9.20 8.43 2.73
C GLU A 135 10.59 8.13 2.18
N LEU A 136 10.67 7.31 1.13
CA LEU A 136 11.96 7.04 0.49
C LEU A 136 12.58 8.34 -0.03
N LEU A 137 11.78 9.19 -0.68
CA LEU A 137 12.36 10.39 -1.27
C LEU A 137 12.85 11.35 -0.21
N ILE A 138 12.07 11.55 0.86
CA ILE A 138 12.51 12.43 1.95
C ILE A 138 13.82 11.94 2.54
N ALA A 139 13.95 10.63 2.74
CA ALA A 139 15.13 10.09 3.39
C ALA A 139 16.32 10.09 2.44
N GLN A 140 16.09 9.89 1.15
CA GLN A 140 17.20 9.63 0.24
C GLN A 140 17.46 10.78 -0.71
N HIS A 141 16.53 11.73 -0.83
CA HIS A 141 16.67 12.87 -1.73
C HIS A 141 16.04 14.10 -1.07
N PRO A 142 16.59 14.55 0.05
CA PRO A 142 15.91 15.63 0.83
C PRO A 142 15.72 16.93 0.07
N ASP A 143 16.50 17.19 -0.97
CA ASP A 143 16.42 18.49 -1.63
C ASP A 143 15.40 18.53 -2.76
N LEU A 144 14.69 17.43 -3.01
CA LEU A 144 13.58 17.52 -3.94
C LEU A 144 12.44 18.30 -3.28
N THR A 145 11.57 18.84 -4.13
CA THR A 145 10.40 19.61 -3.69
C THR A 145 9.16 18.78 -3.93
N LEU A 146 8.58 18.22 -2.86
CA LEU A 146 7.46 17.29 -2.99
C LEU A 146 6.15 17.98 -2.61
N LEU A 147 5.06 17.50 -3.21
CA LEU A 147 3.68 17.90 -2.94
C LEU A 147 2.90 16.69 -2.47
N PRO A 148 2.88 16.39 -1.18
CA PRO A 148 2.14 15.21 -0.72
C PRO A 148 0.63 15.50 -0.75
N LEU A 149 -0.12 14.59 -1.35
CA LEU A 149 -1.56 14.66 -1.47
C LEU A 149 -2.25 13.42 -0.89
N PRO A 150 -3.54 13.54 -0.53
CA PRO A 150 -4.14 12.52 0.34
C PRO A 150 -4.48 11.19 -0.35
N SER A 151 -4.56 11.13 -1.67
CA SER A 151 -4.92 9.90 -2.33
C SER A 151 -4.23 9.89 -3.69
N VAL A 152 -4.17 8.69 -4.31
N VAL A 152 -4.18 8.69 -4.30
CA VAL A 152 -3.60 8.65 -5.65
CA VAL A 152 -3.63 8.57 -5.65
C VAL A 152 -4.44 9.49 -6.60
C VAL A 152 -4.44 9.42 -6.62
N ALA A 153 -5.77 9.48 -6.43
CA ALA A 153 -6.61 10.27 -7.34
C ALA A 153 -6.36 11.75 -7.15
N ALA A 154 -6.28 12.22 -5.90
CA ALA A 154 -5.97 13.62 -5.67
C ALA A 154 -4.64 13.99 -6.31
N ALA A 155 -3.67 13.08 -6.21
CA ALA A 155 -2.33 13.34 -6.74
C ALA A 155 -2.32 13.36 -8.26
N LEU A 156 -3.02 12.41 -8.90
CA LEU A 156 -3.06 12.41 -10.37
C LEU A 156 -3.86 13.61 -10.88
N GLN A 157 -4.88 14.02 -10.13
CA GLN A 157 -5.64 15.21 -10.55
C GLN A 157 -4.82 16.48 -10.41
N ALA A 158 -4.01 16.55 -9.35
CA ALA A 158 -3.08 17.67 -9.24
C ALA A 158 -2.11 17.68 -10.42
N LEU A 159 -1.57 16.51 -10.81
CA LEU A 159 -0.69 16.44 -11.97
C LEU A 159 -1.43 16.81 -13.23
N ALA A 160 -2.67 16.32 -13.39
CA ALA A 160 -3.32 16.50 -14.68
C ALA A 160 -3.73 17.94 -14.91
N THR A 161 -4.03 18.66 -13.84
CA THR A 161 -4.47 20.06 -13.92
C THR A 161 -3.32 21.05 -13.81
N GLY A 162 -2.07 20.59 -13.88
CA GLY A 162 -0.91 21.46 -13.86
C GLY A 162 -0.39 21.85 -12.48
N GLN A 163 -1.10 21.50 -11.41
CA GLN A 163 -0.65 21.87 -10.07
C GLN A 163 0.62 21.13 -9.69
N ALA A 164 0.90 20.00 -10.32
CA ALA A 164 2.14 19.30 -10.12
C ALA A 164 2.79 19.11 -11.48
N ASP A 165 4.12 19.00 -11.49
CA ASP A 165 4.81 18.77 -12.74
C ASP A 165 5.07 17.30 -13.02
N ALA A 166 5.12 16.48 -11.97
CA ALA A 166 5.31 15.03 -12.15
C ALA A 166 4.69 14.37 -10.93
N PHE A 167 4.56 13.03 -11.00
CA PHE A 167 4.03 12.23 -9.90
C PHE A 167 4.92 11.00 -9.76
N VAL A 168 5.25 10.59 -8.54
CA VAL A 168 6.06 9.40 -8.32
C VAL A 168 5.24 8.43 -7.48
N GLY A 169 5.09 7.20 -7.96
CA GLY A 169 4.27 6.25 -7.23
C GLY A 169 4.48 4.84 -7.75
N ASP A 170 3.79 3.89 -7.14
CA ASP A 170 3.94 2.53 -7.64
C ASP A 170 3.22 2.33 -8.98
N PHE A 171 3.75 1.40 -9.77
CA PHE A 171 3.21 1.14 -11.10
C PHE A 171 1.71 0.83 -11.07
N ALA A 172 1.28 -0.06 -10.17
CA ALA A 172 -0.08 -0.61 -10.25
C ALA A 172 -1.13 0.42 -9.90
N SER A 173 -0.98 1.11 -8.77
CA SER A 173 -2.00 2.10 -8.46
C SER A 173 -1.93 3.31 -9.39
N SER A 174 -0.76 3.62 -9.96
CA SER A 174 -0.69 4.76 -10.87
C SER A 174 -1.44 4.47 -12.17
N VAL A 175 -1.22 3.30 -12.76
CA VAL A 175 -1.88 2.98 -14.03
C VAL A 175 -3.37 2.70 -13.81
N TRP A 176 -3.72 2.03 -12.71
CA TRP A 176 -5.12 1.74 -12.45
C TRP A 176 -5.94 3.03 -12.40
N ASN A 177 -5.42 4.03 -11.70
CA ASN A 177 -6.20 5.25 -11.47
C ASN A 177 -6.11 6.19 -12.64
N LEU A 178 -5.01 6.15 -13.38
CA LEU A 178 -4.92 6.90 -14.64
C LEU A 178 -6.03 6.50 -15.58
N ARG A 179 -6.26 5.18 -15.70
CA ARG A 179 -7.28 4.67 -16.65
C ARG A 179 -8.70 4.76 -16.07
N GLN A 180 -8.87 4.57 -14.76
CA GLN A 180 -10.21 4.58 -14.20
C GLN A 180 -10.77 6.00 -14.08
N LEU A 181 -9.90 6.98 -13.87
CA LEU A 181 -10.27 8.39 -13.90
C LEU A 181 -10.24 8.94 -15.32
N LYS A 182 -9.83 8.12 -16.29
CA LYS A 182 -9.76 8.49 -17.70
C LYS A 182 -8.98 9.77 -17.89
N LEU A 183 -7.81 9.83 -17.26
CA LEU A 183 -6.90 10.96 -17.44
C LEU A 183 -6.00 10.62 -18.63
N ASN A 184 -6.57 10.78 -19.83
CA ASN A 184 -5.89 10.49 -21.08
C ASN A 184 -4.80 11.50 -21.40
N GLY A 185 -4.56 12.47 -20.51
CA GLY A 185 -3.50 13.43 -20.71
C GLY A 185 -2.18 13.11 -20.05
N LEU A 186 -2.14 12.10 -19.19
CA LEU A 186 -0.94 11.68 -18.48
C LEU A 186 -0.30 10.48 -19.19
N GLU A 187 0.97 10.25 -18.87
CA GLU A 187 1.69 9.08 -19.37
C GLU A 187 2.85 8.78 -18.44
N ILE A 188 3.41 7.59 -18.57
CA ILE A 188 4.59 7.21 -17.82
C ILE A 188 5.81 7.81 -18.50
N SER A 189 6.59 8.59 -17.76
CA SER A 189 7.76 9.26 -18.29
C SER A 189 9.09 8.62 -17.88
N GLY A 190 9.11 7.73 -16.89
CA GLY A 190 10.40 7.19 -16.52
C GLY A 190 10.31 6.24 -15.35
N GLU A 191 11.50 5.90 -14.85
CA GLU A 191 11.74 4.81 -13.92
C GLU A 191 12.45 5.39 -12.70
N THR A 192 12.31 4.72 -11.56
CA THR A 192 13.20 4.97 -10.43
C THR A 192 13.91 3.67 -10.06
N PRO A 193 14.95 3.75 -9.22
CA PRO A 193 15.62 2.52 -8.77
C PRO A 193 14.86 1.80 -7.66
N TYR A 194 13.68 2.28 -7.33
CA TYR A 194 12.96 1.79 -6.17
C TYR A 194 11.85 0.81 -6.56
N ARG A 195 11.62 -0.15 -5.67
CA ARG A 195 10.52 -1.10 -5.79
C ARG A 195 9.49 -0.82 -4.70
N TYR A 196 8.21 -0.92 -5.06
CA TYR A 196 7.14 -0.87 -4.06
C TYR A 196 6.87 -2.30 -3.59
N GLN A 197 7.17 -2.60 -2.32
CA GLN A 197 7.11 -3.99 -1.85
C GLN A 197 5.97 -4.06 -0.86
N LEU A 198 4.83 -4.52 -1.35
CA LEU A 198 3.58 -4.56 -0.61
C LEU A 198 3.62 -5.72 0.38
N ALA A 199 3.46 -5.40 1.66
CA ALA A 199 3.52 -6.42 2.71
C ALA A 199 2.38 -6.13 3.68
N MET A 200 2.29 -6.93 4.76
CA MET A 200 1.41 -6.61 5.89
C MET A 200 2.28 -6.31 7.11
N ALA A 201 1.73 -5.50 8.03
CA ALA A 201 2.50 -5.10 9.22
C ALA A 201 1.65 -5.23 10.47
N VAL A 202 2.34 -5.39 11.62
CA VAL A 202 1.74 -5.46 12.95
C VAL A 202 2.59 -4.60 13.88
N PRO A 203 2.04 -4.20 15.03
CA PRO A 203 2.88 -3.48 16.00
C PRO A 203 4.12 -4.28 16.36
N ARG A 204 5.28 -3.60 16.38
N ARG A 204 5.25 -3.57 16.38
CA ARG A 204 6.55 -4.28 16.65
CA ARG A 204 6.55 -4.18 16.68
C ARG A 204 6.53 -4.97 18.02
C ARG A 204 6.52 -4.93 18.00
N GLY A 205 5.71 -4.47 18.95
CA GLY A 205 5.61 -5.08 20.27
C GLY A 205 4.82 -6.39 20.30
N GLN A 206 4.12 -6.71 19.21
CA GLN A 206 3.31 -7.92 19.09
C GLN A 206 3.59 -8.63 17.77
N PRO A 207 4.78 -9.23 17.61
CA PRO A 207 5.19 -9.71 16.28
C PRO A 207 4.60 -11.04 15.85
N ILE A 208 3.93 -11.79 16.75
CA ILE A 208 3.49 -13.15 16.39
C ILE A 208 2.57 -13.13 15.17
N LEU A 209 1.63 -12.16 15.06
CA LEU A 209 0.72 -12.23 13.92
C LEU A 209 1.43 -12.02 12.57
N ALA A 210 2.53 -11.25 12.53
CA ALA A 210 3.24 -11.12 11.25
C ALA A 210 3.91 -12.43 10.88
N GLY A 211 4.35 -13.19 11.89
CA GLY A 211 4.87 -14.53 11.65
C GLY A 211 3.82 -15.46 11.11
N ILE A 212 2.61 -15.41 11.69
CA ILE A 212 1.50 -16.24 11.26
C ILE A 212 1.11 -15.91 9.83
N VAL A 213 0.93 -14.63 9.54
CA VAL A 213 0.51 -14.22 8.21
C VAL A 213 1.59 -14.56 7.20
N ASP A 214 2.86 -14.32 7.56
CA ASP A 214 3.92 -14.56 6.60
C ASP A 214 3.94 -16.02 6.18
N LYS A 215 3.72 -16.93 7.13
CA LYS A 215 3.69 -18.36 6.82
C LYS A 215 2.54 -18.70 5.88
N VAL A 216 1.37 -18.08 6.05
CA VAL A 216 0.25 -18.35 5.16
C VAL A 216 0.54 -17.80 3.77
N LEU A 217 1.01 -16.55 3.69
CA LEU A 217 1.31 -15.96 2.40
C LEU A 217 2.37 -16.76 1.64
N ALA A 218 3.40 -17.24 2.33
CA ALA A 218 4.47 -17.97 1.63
C ALA A 218 4.02 -19.34 1.13
N ASP A 219 2.95 -19.88 1.69
CA ASP A 219 2.46 -21.22 1.37
C ASP A 219 1.39 -21.23 0.28
N LEU A 220 1.03 -20.06 -0.26
CA LEU A 220 -0.03 -19.96 -1.26
C LEU A 220 0.36 -20.71 -2.53
N SER A 221 -0.63 -21.37 -3.14
CA SER A 221 -0.36 -22.08 -4.39
C SER A 221 -0.27 -21.09 -5.55
N ALA A 222 0.43 -21.51 -6.60
CA ALA A 222 0.41 -20.68 -7.81
C ALA A 222 -1.02 -20.40 -8.26
N GLU A 223 -1.89 -21.39 -8.10
CA GLU A 223 -3.29 -21.24 -8.48
C GLU A 223 -3.98 -20.18 -7.64
N GLU A 224 -3.76 -20.21 -6.32
CA GLU A 224 -4.38 -19.23 -5.43
C GLU A 224 -3.89 -17.82 -5.73
N ILE A 225 -2.58 -17.67 -6.01
CA ILE A 225 -2.03 -16.34 -6.32
C ILE A 225 -2.66 -15.80 -7.59
N GLU A 226 -2.83 -16.66 -8.60
CA GLU A 226 -3.44 -16.20 -9.84
C GLU A 226 -4.87 -15.71 -9.61
N ARG A 227 -5.66 -16.47 -8.83
CA ARG A 227 -7.05 -16.08 -8.59
C ARG A 227 -7.16 -14.80 -7.77
N LEU A 228 -6.19 -14.58 -6.87
CA LEU A 228 -6.20 -13.37 -6.06
C LEU A 228 -5.96 -12.14 -6.90
N GLN A 229 -5.23 -12.26 -7.99
CA GLN A 229 -4.92 -11.10 -8.82
C GLN A 229 -5.86 -10.95 -10.01
N ALA A 230 -6.59 -12.00 -10.39
CA ALA A 230 -7.32 -11.99 -11.66
C ALA A 230 -8.37 -10.89 -11.79
N PRO A 231 -9.14 -10.52 -10.76
CA PRO A 231 -10.10 -9.40 -10.93
C PRO A 231 -9.43 -8.06 -11.20
N TRP A 232 -8.12 -7.94 -10.98
CA TRP A 232 -7.45 -6.65 -10.98
C TRP A 232 -6.47 -6.46 -12.14
N VAL A 233 -6.03 -7.53 -12.81
CA VAL A 233 -5.13 -7.36 -13.93
C VAL A 233 -5.82 -6.64 -15.09
N GLY A 234 -7.15 -6.73 -15.17
CA GLY A 234 -7.88 -6.18 -16.31
C GLY A 234 -7.66 -4.68 -16.46
N GLY A 235 -7.89 -3.88 -15.48
CA GLY A 235 -7.73 -2.44 -15.57
C GLY A 235 -6.31 -1.98 -15.29
N LEU A 236 -5.34 -2.92 -15.20
CA LEU A 236 -3.93 -2.59 -15.40
C LEU A 236 -3.50 -2.82 -16.84
N LEU A 237 -4.19 -3.70 -17.55
CA LEU A 237 -3.84 -4.04 -18.93
C LEU A 237 -5.02 -3.82 -19.86
CL CL B . 3.34 2.33 1.95
S SO4 C . -12.25 2.52 16.03
O1 SO4 C . -12.50 1.16 16.51
O2 SO4 C . -13.17 3.46 16.67
O3 SO4 C . -12.47 2.56 14.59
O4 SO4 C . -10.87 2.88 16.33
C1 GOL D . 14.21 -0.86 -2.52
O1 GOL D . 13.65 -0.14 -3.58
C2 GOL D . 13.11 -1.63 -1.80
O2 GOL D . 13.04 -2.94 -2.29
C3 GOL D . 13.42 -1.67 -0.30
O3 GOL D . 13.79 -0.37 0.11
#